data_3GDS
#
_entry.id   3GDS
#
_cell.length_a   118.822
_cell.length_b   118.822
_cell.length_c   118.822
_cell.angle_alpha   90.000
_cell.angle_beta   90.000
_cell.angle_gamma   90.000
#
_symmetry.space_group_name_H-M   'P 21 3'
#
loop_
_entity.id
_entity.type
_entity.pdbx_description
1 polymer 'Protease degS'
2 polymer 'DNRDGNVYYF peptide'
#
loop_
_entity_poly.entity_id
_entity_poly.type
_entity_poly.pdbx_seq_one_letter_code
_entity_poly.pdbx_strand_id
1 'polypeptide(L)'
;MRGSHHHHHHGRSLNPLSTPQFDSTDETPASYNLAVRRAAPAVVNVYNRGLNTNSHNQLEIRTLGSGVIMDQRGYIITNK
HVINDADQIIVALQDGRVFEALLVGSDSLTDLAVLKINATGGLPTIPINARRVPHIGDVVLAIGNPYNLGQTITQGIISA
TGRIGLNPTGRQNFLQTDASINPGN(MIS)GGALVNSLGELMGINTLSFDKSNDGETPEGIGFAIPFQLATKIMDKLIRD
GRVIRGYIGIGGREIAPLHAQGGGIDQLQGIVVNEVSPDGPAANAGIQVNDLIISVDNKPAISALETMAQVAEIRPGSVI
PVVVMRDDKQLTLQVTIQEYPATN
;
A
2 'polypeptide(L)' DNRDGNVYYF B
#
# COMPACT_ATOMS: atom_id res chain seq x y z
N ASP A 23 26.17 15.53 -39.13
CA ASP A 23 25.56 14.23 -38.82
C ASP A 23 24.10 14.17 -39.27
N SER A 24 23.71 13.03 -39.82
CA SER A 24 22.31 12.79 -40.19
C SER A 24 21.74 11.69 -39.31
N THR A 25 20.43 11.72 -39.09
CA THR A 25 19.81 10.76 -38.17
C THR A 25 18.69 9.90 -38.77
N ASP A 26 19.02 8.64 -39.02
CA ASP A 26 18.02 7.60 -39.19
C ASP A 26 17.98 6.90 -37.83
N GLU A 27 18.73 7.47 -36.89
CA GLU A 27 18.94 6.88 -35.57
C GLU A 27 17.68 6.89 -34.73
N THR A 28 17.65 6.03 -33.72
CA THR A 28 16.49 5.91 -32.84
C THR A 28 16.79 6.48 -31.45
N PRO A 29 16.02 7.51 -31.04
CA PRO A 29 16.19 8.12 -29.73
C PRO A 29 15.97 7.12 -28.60
N ALA A 30 16.81 7.16 -27.57
CA ALA A 30 16.59 6.37 -26.37
C ALA A 30 15.26 6.79 -25.74
N SER A 31 14.36 5.84 -25.56
CA SER A 31 13.03 6.15 -25.05
C SER A 31 12.41 5.03 -24.23
N TYR A 32 11.58 5.41 -23.25
CA TYR A 32 10.81 4.46 -22.47
C TYR A 32 9.34 4.52 -22.88
N ASN A 33 9.10 4.97 -24.11
CA ASN A 33 7.75 5.08 -24.64
C ASN A 33 7.00 3.75 -24.63
N LEU A 34 7.71 2.66 -24.92
CA LEU A 34 7.10 1.33 -24.93
C LEU A 34 6.48 1.03 -23.58
N ALA A 35 7.25 1.22 -22.52
CA ALA A 35 6.73 1.06 -21.17
C ALA A 35 5.53 1.98 -20.96
N VAL A 36 5.64 3.21 -21.46
CA VAL A 36 4.56 4.18 -21.33
C VAL A 36 3.29 3.72 -22.03
N ARG A 37 3.43 3.20 -23.24
CA ARG A 37 2.27 2.77 -24.03
C ARG A 37 1.60 1.53 -23.43
N ARG A 38 2.40 0.68 -22.81
CA ARG A 38 1.87 -0.55 -22.21
C ARG A 38 1.14 -0.28 -20.90
N ALA A 39 1.65 0.67 -20.12
CA ALA A 39 1.19 0.85 -18.74
C ALA A 39 0.28 2.06 -18.50
N ALA A 40 0.59 3.17 -19.15
CA ALA A 40 -0.11 4.44 -18.88
C ALA A 40 -1.64 4.37 -19.01
N PRO A 41 -2.15 3.69 -20.05
CA PRO A 41 -3.61 3.63 -20.21
C PRO A 41 -4.33 3.08 -18.98
N ALA A 42 -3.69 2.18 -18.25
CA ALA A 42 -4.30 1.56 -17.08
C ALA A 42 -4.28 2.48 -15.85
N VAL A 43 -3.41 3.49 -15.89
CA VAL A 43 -3.28 4.41 -14.76
C VAL A 43 -4.33 5.51 -14.87
N VAL A 44 -5.11 5.68 -13.81
CA VAL A 44 -6.26 6.56 -13.86
C VAL A 44 -6.15 7.73 -12.90
N ASN A 45 -6.89 8.80 -13.19
CA ASN A 45 -6.98 9.94 -12.29
C ASN A 45 -8.12 9.71 -11.31
N VAL A 46 -7.83 9.84 -10.02
CA VAL A 46 -8.81 9.58 -8.98
C VAL A 46 -9.17 10.85 -8.22
N TYR A 47 -10.46 11.16 -8.17
CA TYR A 47 -10.93 12.36 -7.50
C TYR A 47 -11.80 12.03 -6.30
N ASN A 48 -11.38 12.53 -5.13
CA ASN A 48 -12.15 12.40 -3.92
C ASN A 48 -12.98 13.67 -3.76
N ARG A 49 -14.28 13.55 -3.97
CA ARG A 49 -15.16 14.71 -3.88
C ARG A 49 -16.03 14.67 -2.63
N GLY A 50 -16.12 15.80 -1.95
CA GLY A 50 -16.89 15.90 -0.74
C GLY A 50 -17.73 17.16 -0.66
N LEU A 51 -18.87 17.06 0.01
CA LEU A 51 -19.70 18.21 0.29
C LEU A 51 -19.05 19.08 1.35
N ASN A 52 -19.25 20.39 1.25
CA ASN A 52 -18.77 21.31 2.27
C ASN A 52 -19.92 22.08 2.90
N THR A 53 -19.79 22.39 4.18
CA THR A 53 -20.67 23.35 4.82
C THR A 53 -20.64 24.59 3.95
N ASN A 54 -19.44 24.88 3.44
CA ASN A 54 -19.22 25.92 2.44
C ASN A 54 -19.92 25.57 1.13
N SER A 55 -19.69 24.35 0.66
CA SER A 55 -20.25 23.85 -0.61
C SER A 55 -21.70 24.22 -0.85
N HIS A 56 -22.48 24.21 0.23
CA HIS A 56 -23.94 24.26 0.11
C HIS A 56 -24.42 23.40 -1.05
N ASN A 57 -24.32 22.08 -0.87
CA ASN A 57 -24.90 21.11 -1.78
C ASN A 57 -24.12 20.97 -3.10
N GLN A 58 -22.91 21.50 -3.13
CA GLN A 58 -22.05 21.41 -4.31
C GLN A 58 -20.80 20.60 -4.02
N LEU A 59 -20.53 19.62 -4.88
CA LEU A 59 -19.35 18.77 -4.71
C LEU A 59 -18.05 19.52 -4.99
N GLU A 60 -17.08 19.35 -4.11
CA GLU A 60 -15.76 19.93 -4.30
C GLU A 60 -14.70 18.87 -4.10
N ILE A 61 -13.54 19.08 -4.70
CA ILE A 61 -12.42 18.16 -4.55
C ILE A 61 -11.76 18.32 -3.19
N ARG A 62 -11.81 17.28 -2.37
CA ARG A 62 -11.06 17.26 -1.12
C ARG A 62 -9.62 16.92 -1.45
N THR A 63 -9.43 15.79 -2.13
CA THR A 63 -8.12 15.29 -2.47
C THR A 63 -8.14 14.70 -3.88
N LEU A 64 -6.98 14.65 -4.52
CA LEU A 64 -6.86 14.00 -5.81
C LEU A 64 -5.58 13.16 -5.87
N GLY A 65 -5.67 12.02 -6.54
CA GLY A 65 -4.53 11.14 -6.71
C GLY A 65 -4.65 10.29 -7.95
N SER A 66 -3.96 9.16 -7.96
CA SER A 66 -4.01 8.25 -9.09
C SER A 66 -4.53 6.89 -8.67
N GLY A 67 -4.66 5.99 -9.64
CA GLY A 67 -5.12 4.64 -9.38
C GLY A 67 -4.69 3.74 -10.51
N VAL A 68 -4.60 2.44 -10.21
CA VAL A 68 -4.19 1.47 -11.21
C VAL A 68 -5.29 0.45 -11.46
N ILE A 69 -5.60 0.21 -12.74
CA ILE A 69 -6.58 -0.81 -13.11
C ILE A 69 -5.91 -2.18 -13.09
N MET A 70 -6.26 -3.00 -12.10
CA MET A 70 -5.60 -4.29 -11.89
C MET A 70 -6.05 -5.39 -12.84
N ASP A 71 -7.36 -5.48 -13.09
CA ASP A 71 -7.89 -6.49 -13.99
C ASP A 71 -9.16 -6.00 -14.68
N GLN A 72 -9.54 -6.67 -15.76
CA GLN A 72 -10.64 -6.21 -16.61
C GLN A 72 -12.02 -6.18 -15.95
N ARG A 73 -12.13 -6.74 -14.74
CA ARG A 73 -13.39 -6.69 -14.00
C ARG A 73 -13.67 -5.26 -13.56
N GLY A 74 -12.65 -4.42 -13.59
CA GLY A 74 -12.79 -3.02 -13.22
C GLY A 74 -12.41 -2.74 -11.77
N TYR A 75 -11.51 -3.56 -11.22
CA TYR A 75 -11.00 -3.32 -9.88
C TYR A 75 -9.76 -2.44 -9.96
N ILE A 76 -9.75 -1.37 -9.16
CA ILE A 76 -8.67 -0.41 -9.20
C ILE A 76 -8.01 -0.28 -7.83
N ILE A 77 -6.68 -0.31 -7.82
CA ILE A 77 -5.93 -0.03 -6.59
C ILE A 77 -5.62 1.45 -6.46
N THR A 78 -5.60 1.93 -5.22
CA THR A 78 -5.25 3.31 -4.92
C THR A 78 -4.89 3.41 -3.44
N ASN A 79 -4.40 4.56 -3.02
CA ASN A 79 -4.09 4.77 -1.62
C ASN A 79 -5.38 5.02 -0.84
N LYS A 80 -5.38 4.64 0.43
CA LYS A 80 -6.55 4.87 1.28
C LYS A 80 -6.72 6.34 1.59
N HIS A 81 -5.62 7.04 1.83
CA HIS A 81 -5.69 8.46 2.20
C HIS A 81 -6.22 9.32 1.04
N VAL A 82 -6.16 8.78 -0.17
CA VAL A 82 -6.72 9.47 -1.33
C VAL A 82 -8.24 9.46 -1.33
N ILE A 83 -8.84 8.34 -0.89
CA ILE A 83 -10.29 8.18 -0.95
C ILE A 83 -10.99 8.35 0.40
N ASN A 84 -10.22 8.56 1.46
CA ASN A 84 -10.80 8.74 2.79
C ASN A 84 -11.90 9.78 2.86
N ASP A 85 -12.95 9.47 3.62
CA ASP A 85 -14.04 10.40 3.87
C ASP A 85 -14.57 11.06 2.60
N ALA A 86 -14.73 10.26 1.55
CA ALA A 86 -15.24 10.75 0.29
C ALA A 86 -16.76 10.57 0.19
N ASP A 87 -17.46 11.64 -0.16
CA ASP A 87 -18.89 11.57 -0.45
C ASP A 87 -19.06 10.92 -1.81
N GLN A 88 -18.16 11.23 -2.72
CA GLN A 88 -18.16 10.64 -4.04
C GLN A 88 -16.73 10.42 -4.54
N ILE A 89 -16.53 9.35 -5.30
CA ILE A 89 -15.23 9.05 -5.87
C ILE A 89 -15.34 8.97 -7.38
N ILE A 90 -14.60 9.83 -8.08
CA ILE A 90 -14.63 9.84 -9.54
C ILE A 90 -13.34 9.28 -10.12
N VAL A 91 -13.48 8.40 -11.10
CA VAL A 91 -12.35 7.81 -11.79
C VAL A 91 -12.34 8.27 -13.24
N ALA A 92 -11.20 8.74 -13.71
CA ALA A 92 -11.08 9.21 -15.10
C ALA A 92 -9.96 8.49 -15.82
N LEU A 93 -10.30 7.83 -16.92
CA LEU A 93 -9.29 7.18 -17.76
C LEU A 93 -8.66 8.17 -18.72
N GLN A 94 -7.51 7.79 -19.28
CA GLN A 94 -6.81 8.66 -20.21
C GLN A 94 -7.51 8.68 -21.57
N ASP A 95 -8.36 7.68 -21.81
CA ASP A 95 -9.08 7.59 -23.07
C ASP A 95 -10.31 8.49 -23.08
N GLY A 96 -10.63 9.09 -21.94
CA GLY A 96 -11.73 10.04 -21.86
C GLY A 96 -12.89 9.59 -20.99
N ARG A 97 -13.06 8.28 -20.85
CA ARG A 97 -14.16 7.74 -20.07
C ARG A 97 -14.09 8.21 -18.62
N VAL A 98 -15.26 8.47 -18.04
CA VAL A 98 -15.36 8.83 -16.63
C VAL A 98 -16.40 7.95 -15.93
N PHE A 99 -16.01 7.40 -14.78
CA PHE A 99 -16.89 6.55 -14.00
C PHE A 99 -17.01 7.07 -12.58
N GLU A 100 -18.14 6.79 -11.96
CA GLU A 100 -18.24 6.92 -10.51
C GLU A 100 -17.70 5.62 -9.96
N ALA A 101 -17.02 5.68 -8.83
CA ALA A 101 -16.35 4.49 -8.31
C ALA A 101 -16.98 4.01 -7.00
N LEU A 102 -16.97 2.70 -6.82
CA LEU A 102 -17.52 2.06 -5.63
C LEU A 102 -16.39 1.62 -4.73
N LEU A 103 -16.42 2.05 -3.47
CA LEU A 103 -15.38 1.67 -2.52
C LEU A 103 -15.54 0.24 -2.03
N VAL A 104 -14.73 -0.67 -2.58
CA VAL A 104 -14.78 -2.08 -2.20
C VAL A 104 -14.30 -2.28 -0.77
N GLY A 105 -13.20 -1.62 -0.42
CA GLY A 105 -12.63 -1.75 0.92
C GLY A 105 -11.32 -0.98 1.05
N SER A 106 -10.86 -0.84 2.29
CA SER A 106 -9.60 -0.12 2.55
C SER A 106 -8.86 -0.71 3.74
N ASP A 107 -7.56 -0.45 3.81
CA ASP A 107 -6.74 -0.91 4.91
C ASP A 107 -5.73 0.15 5.32
N SER A 108 -5.92 0.71 6.52
CA SER A 108 -5.06 1.76 7.03
C SER A 108 -3.61 1.30 7.16
N LEU A 109 -3.43 0.03 7.45
CA LEU A 109 -2.10 -0.50 7.74
C LEU A 109 -1.17 -0.48 6.54
N THR A 110 -1.72 -0.77 5.36
CA THR A 110 -0.92 -0.73 4.14
C THR A 110 -1.26 0.50 3.30
N ASP A 111 -2.16 1.32 3.82
CA ASP A 111 -2.63 2.51 3.12
C ASP A 111 -3.14 2.17 1.72
N LEU A 112 -3.79 1.02 1.59
CA LEU A 112 -4.36 0.61 0.32
C LEU A 112 -5.89 0.70 0.32
N ALA A 113 -6.47 0.64 -0.88
CA ALA A 113 -7.91 0.73 -1.04
C ALA A 113 -8.30 0.23 -2.42
N VAL A 114 -9.44 -0.43 -2.53
CA VAL A 114 -9.89 -0.96 -3.80
C VAL A 114 -11.19 -0.30 -4.26
N LEU A 115 -11.19 0.13 -5.52
CA LEU A 115 -12.35 0.77 -6.11
C LEU A 115 -12.92 -0.12 -7.19
N LYS A 116 -14.22 -0.04 -7.38
CA LYS A 116 -14.88 -0.80 -8.43
C LYS A 116 -15.59 0.16 -9.38
N ILE A 117 -15.29 0.04 -10.67
CA ILE A 117 -16.03 0.74 -11.70
C ILE A 117 -16.63 -0.30 -12.64
N ASN A 118 -17.84 -0.03 -13.11
CA ASN A 118 -18.52 -0.96 -13.99
C ASN A 118 -18.45 -0.50 -15.45
N ALA A 119 -17.76 -1.29 -16.27
CA ALA A 119 -17.59 -0.96 -17.66
C ALA A 119 -17.94 -2.14 -18.57
N THR A 120 -18.98 -1.98 -19.37
CA THR A 120 -19.36 -2.99 -20.34
C THR A 120 -18.29 -3.05 -21.42
N GLY A 121 -17.78 -1.90 -21.81
CA GLY A 121 -16.70 -1.81 -22.77
C GLY A 121 -15.39 -2.28 -22.17
N GLY A 122 -14.43 -2.59 -23.02
CA GLY A 122 -13.13 -3.09 -22.57
C GLY A 122 -12.39 -2.10 -21.70
N LEU A 123 -11.64 -2.62 -20.73
CA LEU A 123 -10.84 -1.77 -19.85
C LEU A 123 -9.35 -2.09 -20.00
N PRO A 124 -8.50 -1.06 -19.99
CA PRO A 124 -7.06 -1.25 -19.99
C PRO A 124 -6.61 -1.79 -18.65
N THR A 125 -5.63 -2.69 -18.63
CA THR A 125 -5.12 -3.22 -17.38
C THR A 125 -3.61 -3.06 -17.29
N ILE A 126 -3.11 -2.87 -16.08
CA ILE A 126 -1.69 -2.71 -15.85
C ILE A 126 -0.96 -4.03 -16.01
N PRO A 127 0.11 -4.04 -16.83
CA PRO A 127 0.85 -5.30 -17.03
C PRO A 127 1.41 -5.81 -15.71
N ILE A 128 1.17 -7.08 -15.40
CA ILE A 128 1.71 -7.69 -14.20
C ILE A 128 2.50 -8.96 -14.52
N ASN A 129 3.71 -9.04 -13.98
CA ASN A 129 4.53 -10.23 -14.10
C ASN A 129 4.93 -10.73 -12.72
N ALA A 130 4.12 -11.65 -12.17
CA ALA A 130 4.30 -12.11 -10.80
C ALA A 130 5.63 -12.84 -10.59
N ARG A 131 6.26 -13.26 -11.68
CA ARG A 131 7.53 -13.98 -11.59
C ARG A 131 8.71 -13.01 -11.63
N ARG A 132 8.41 -11.73 -11.88
CA ARG A 132 9.44 -10.71 -12.01
C ARG A 132 9.96 -10.25 -10.65
N VAL A 133 11.28 -10.23 -10.51
CA VAL A 133 11.91 -9.78 -9.27
C VAL A 133 12.52 -8.39 -9.42
N PRO A 134 11.93 -7.39 -8.74
CA PRO A 134 12.45 -6.03 -8.79
C PRO A 134 13.87 -5.97 -8.24
N HIS A 135 14.79 -5.37 -8.99
CA HIS A 135 16.18 -5.25 -8.55
C HIS A 135 16.59 -3.80 -8.36
N ILE A 136 17.48 -3.58 -7.40
CA ILE A 136 18.01 -2.25 -7.15
C ILE A 136 18.85 -1.81 -8.34
N GLY A 137 18.44 -0.70 -8.95
CA GLY A 137 19.11 -0.21 -10.15
C GLY A 137 18.26 -0.35 -11.39
N ASP A 138 17.12 -1.03 -11.26
CA ASP A 138 16.17 -1.17 -12.35
C ASP A 138 15.57 0.20 -12.67
N VAL A 139 15.65 0.58 -13.93
CA VAL A 139 14.97 1.79 -14.41
C VAL A 139 13.47 1.66 -14.18
N VAL A 140 12.86 2.68 -13.59
CA VAL A 140 11.42 2.67 -13.36
C VAL A 140 10.77 3.99 -13.73
N LEU A 141 9.49 3.92 -14.10
CA LEU A 141 8.73 5.11 -14.43
C LEU A 141 7.60 5.29 -13.43
N ALA A 142 7.44 6.51 -12.94
CA ALA A 142 6.31 6.82 -12.07
C ALA A 142 5.21 7.43 -12.91
N ILE A 143 4.02 6.85 -12.84
CA ILE A 143 2.87 7.34 -13.59
C ILE A 143 1.79 7.81 -12.63
N GLY A 144 1.31 9.03 -12.83
CA GLY A 144 0.36 9.62 -11.91
C GLY A 144 -0.14 10.98 -12.36
N ASN A 145 -0.81 11.68 -11.45
CA ASN A 145 -1.43 12.95 -11.78
C ASN A 145 -1.00 14.08 -10.84
N PRO A 146 0.28 14.46 -10.90
CA PRO A 146 0.82 15.51 -10.04
C PRO A 146 0.03 16.81 -10.17
N TYR A 147 -0.39 17.37 -9.04
CA TYR A 147 -1.06 18.67 -9.03
C TYR A 147 -2.19 18.79 -10.06
N ASN A 148 -2.75 17.65 -10.46
CA ASN A 148 -3.86 17.64 -11.41
C ASN A 148 -3.52 18.30 -12.75
N LEU A 149 -2.27 18.16 -13.18
CA LEU A 149 -1.82 18.74 -14.45
C LEU A 149 -2.15 17.80 -15.59
N GLY A 150 -2.52 16.57 -15.24
CA GLY A 150 -2.71 15.52 -16.22
C GLY A 150 -1.63 14.47 -16.08
N GLN A 151 -1.85 13.31 -16.69
CA GLN A 151 -0.94 12.19 -16.49
C GLN A 151 0.50 12.58 -16.76
N THR A 152 1.34 12.46 -15.73
CA THR A 152 2.75 12.78 -15.85
C THR A 152 3.58 11.51 -15.79
N ILE A 153 4.65 11.46 -16.56
CA ILE A 153 5.60 10.35 -16.50
C ILE A 153 6.99 10.85 -16.05
N THR A 154 7.46 10.35 -14.92
CA THR A 154 8.81 10.69 -14.45
C THR A 154 9.68 9.43 -14.43
N GLN A 155 10.98 9.62 -14.57
CA GLN A 155 11.91 8.47 -14.66
C GLN A 155 12.96 8.46 -13.56
N GLY A 156 13.13 7.30 -12.94
CA GLY A 156 14.15 7.09 -11.93
C GLY A 156 14.61 5.63 -11.90
N ILE A 157 15.26 5.25 -10.80
CA ILE A 157 15.60 3.85 -10.59
C ILE A 157 15.03 3.37 -9.26
N ILE A 158 15.10 2.06 -9.04
CA ILE A 158 14.77 1.53 -7.72
C ILE A 158 15.96 1.75 -6.80
N SER A 159 15.79 2.66 -5.84
CA SER A 159 16.87 3.07 -4.95
C SER A 159 17.12 2.02 -3.87
N ALA A 160 16.06 1.31 -3.48
CA ALA A 160 16.15 0.32 -2.42
C ALA A 160 14.88 -0.53 -2.33
N THR A 161 14.96 -1.63 -1.58
CA THR A 161 13.82 -2.48 -1.34
C THR A 161 13.72 -2.79 0.15
N GLY A 162 12.54 -3.23 0.58
CA GLY A 162 12.32 -3.60 1.97
C GLY A 162 12.41 -2.44 2.94
N ARG A 163 12.17 -1.22 2.45
CA ARG A 163 12.21 -0.03 3.29
C ARG A 163 10.97 0.07 4.17
N ILE A 164 11.17 0.47 5.42
CA ILE A 164 10.06 0.61 6.37
C ILE A 164 9.33 1.93 6.19
N GLY A 165 9.91 2.83 5.39
CA GLY A 165 9.36 4.15 5.19
C GLY A 165 9.90 5.14 6.20
N LEU A 166 9.26 6.31 6.32
CA LEU A 166 9.71 7.30 7.28
C LEU A 166 9.42 6.87 8.72
N ASN A 167 8.27 6.24 8.93
CA ASN A 167 7.89 5.75 10.24
C ASN A 167 8.71 4.52 10.65
N PRO A 168 9.18 4.50 11.91
CA PRO A 168 10.02 3.39 12.37
C PRO A 168 9.20 2.10 12.48
N THR A 169 7.93 2.25 12.84
CA THR A 169 7.06 1.12 13.10
C THR A 169 6.40 0.58 11.84
N GLY A 170 6.03 -0.69 11.87
CA GLY A 170 5.11 -1.26 10.90
C GLY A 170 5.66 -1.80 9.60
N ARG A 171 6.99 -1.90 9.47
CA ARG A 171 7.61 -2.45 8.26
C ARG A 171 6.96 -1.94 6.97
N GLN A 172 6.35 -2.86 6.21
CA GLN A 172 5.59 -2.57 4.99
C GLN A 172 6.41 -2.64 3.70
N ASN A 173 7.68 -2.99 3.83
CA ASN A 173 8.48 -3.41 2.69
C ASN A 173 8.49 -2.46 1.49
N PHE A 174 8.46 -1.15 1.77
CA PHE A 174 8.44 -0.14 0.71
C PHE A 174 9.57 -0.28 -0.31
N LEU A 175 9.24 -0.05 -1.58
CA LEU A 175 10.25 0.21 -2.60
C LEU A 175 10.59 1.69 -2.55
N GLN A 176 11.88 2.00 -2.58
CA GLN A 176 12.31 3.39 -2.59
C GLN A 176 12.78 3.76 -4.00
N THR A 177 12.27 4.87 -4.51
CA THR A 177 12.62 5.32 -5.86
C THR A 177 12.94 6.80 -5.90
N ASP A 178 13.84 7.18 -6.80
CA ASP A 178 14.16 8.59 -7.02
C ASP A 178 13.47 9.13 -8.27
N ALA A 179 12.52 8.35 -8.80
CA ALA A 179 11.62 8.88 -9.82
C ALA A 179 10.78 9.95 -9.14
N SER A 180 10.71 11.12 -9.74
CA SER A 180 10.07 12.27 -9.11
C SER A 180 8.61 12.01 -8.76
N ILE A 181 8.29 12.21 -7.48
CA ILE A 181 6.96 11.97 -6.94
C ILE A 181 6.43 13.26 -6.30
N ASN A 182 5.21 13.63 -6.64
CA ASN A 182 4.58 14.82 -6.06
C ASN A 182 3.13 14.52 -5.65
N PRO A 183 2.49 15.45 -4.91
CA PRO A 183 1.07 15.26 -4.57
C PRO A 183 0.22 15.03 -5.82
N GLY A 184 -0.62 14.01 -5.78
CA GLY A 184 -1.39 13.60 -6.94
C GLY A 184 -0.84 12.30 -7.52
N ASN A 185 0.41 12.00 -7.20
CA ASN A 185 1.05 10.76 -7.64
C ASN A 185 0.57 9.55 -6.84
N GLY A 187 -1.20 6.50 -5.27
CA GLY A 187 -2.10 5.52 -5.84
C GLY A 187 -1.75 5.18 -7.27
N GLY A 188 -0.81 5.92 -7.84
CA GLY A 188 -0.35 5.67 -9.21
C GLY A 188 0.60 4.49 -9.28
N ALA A 189 1.01 4.17 -10.50
CA ALA A 189 1.83 2.98 -10.74
C ALA A 189 3.31 3.29 -10.85
N LEU A 190 4.13 2.33 -10.41
CA LEU A 190 5.56 2.36 -10.68
C LEU A 190 5.88 1.15 -11.53
N VAL A 191 6.44 1.40 -12.72
CA VAL A 191 6.72 0.31 -13.67
C VAL A 191 8.16 0.32 -14.14
N ASN A 192 8.63 -0.81 -14.66
CA ASN A 192 9.97 -0.89 -15.24
C ASN A 192 9.94 -0.55 -16.73
N SER A 193 11.09 -0.71 -17.40
CA SER A 193 11.18 -0.36 -18.82
C SER A 193 10.29 -1.25 -19.67
N LEU A 194 9.96 -2.42 -19.16
CA LEU A 194 9.10 -3.36 -19.86
C LEU A 194 7.62 -3.02 -19.66
N GLY A 195 7.34 -2.13 -18.73
CA GLY A 195 5.98 -1.72 -18.44
C GLY A 195 5.32 -2.54 -17.34
N GLU A 196 6.07 -3.49 -16.77
CA GLU A 196 5.55 -4.32 -15.68
C GLU A 196 5.40 -3.52 -14.39
N LEU A 197 4.34 -3.80 -13.65
CA LEU A 197 4.06 -3.11 -12.40
C LEU A 197 5.09 -3.47 -11.32
N MET A 198 5.77 -2.45 -10.79
CA MET A 198 6.73 -2.66 -9.72
C MET A 198 6.11 -2.35 -8.35
N GLY A 199 5.23 -1.35 -8.32
CA GLY A 199 4.59 -0.97 -7.07
C GLY A 199 3.60 0.15 -7.19
N ILE A 200 3.02 0.53 -6.05
CA ILE A 200 2.04 1.61 -6.00
C ILE A 200 2.63 2.80 -5.25
N ASN A 201 2.89 3.89 -5.97
CA ASN A 201 3.47 5.07 -5.37
C ASN A 201 2.60 5.59 -4.24
N THR A 202 3.19 5.81 -3.07
CA THR A 202 2.42 6.09 -1.88
C THR A 202 2.91 7.30 -1.10
N LEU A 203 4.20 7.33 -0.81
CA LEU A 203 4.73 8.30 0.15
C LEU A 203 5.96 9.00 -0.38
N SER A 204 6.11 10.27 -0.03
CA SER A 204 7.31 11.03 -0.36
C SER A 204 7.97 11.53 0.92
N PHE A 205 9.26 11.26 1.06
CA PHE A 205 10.02 11.66 2.24
C PHE A 205 10.13 13.18 2.35
N ASP A 206 9.74 13.73 3.50
CA ASP A 206 9.69 15.19 3.67
C ASP A 206 10.43 15.70 4.91
N LYS A 207 10.88 14.78 5.76
CA LYS A 207 11.61 15.15 6.98
C LYS A 207 12.85 15.98 6.66
N SER A 208 13.03 17.08 7.39
CA SER A 208 14.15 17.98 7.11
C SER A 208 15.12 18.09 8.29
N ASN A 209 16.39 17.88 8.01
CA ASN A 209 17.46 18.15 8.97
C ASN A 209 18.12 19.47 8.58
N ASP A 210 17.90 20.50 9.39
CA ASP A 210 18.41 21.84 9.09
C ASP A 210 17.46 22.57 8.14
N GLY A 211 16.27 22.01 7.96
CA GLY A 211 15.21 22.66 7.20
C GLY A 211 15.31 22.52 5.69
N GLU A 212 16.19 21.65 5.21
CA GLU A 212 16.33 21.45 3.77
C GLU A 212 15.22 20.55 3.24
N THR A 213 15.09 20.50 1.93
CA THR A 213 14.05 19.69 1.30
C THR A 213 14.63 18.42 0.65
N PRO A 214 14.22 17.24 1.13
CA PRO A 214 14.67 15.96 0.59
C PRO A 214 14.37 15.84 -0.91
N GLU A 215 15.34 15.35 -1.67
CA GLU A 215 15.18 15.22 -3.12
C GLU A 215 15.30 13.77 -3.61
N GLY A 216 14.36 13.37 -4.46
CA GLY A 216 14.41 12.07 -5.09
C GLY A 216 14.28 10.90 -4.14
N ILE A 217 13.50 11.10 -3.08
CA ILE A 217 13.24 10.00 -2.14
C ILE A 217 11.74 9.76 -2.00
N GLY A 218 11.25 8.73 -2.68
CA GLY A 218 9.86 8.36 -2.64
C GLY A 218 9.67 6.87 -2.46
N PHE A 219 8.51 6.48 -1.96
CA PHE A 219 8.25 5.08 -1.62
C PHE A 219 7.03 4.52 -2.34
N ALA A 220 7.11 3.25 -2.72
CA ALA A 220 5.97 2.56 -3.33
C ALA A 220 5.71 1.22 -2.65
N ILE A 221 4.45 0.88 -2.47
CA ILE A 221 4.06 -0.44 -1.99
C ILE A 221 4.44 -1.46 -3.07
N PRO A 222 5.20 -2.50 -2.69
CA PRO A 222 5.62 -3.51 -3.67
C PRO A 222 4.39 -4.16 -4.29
N PHE A 223 4.45 -4.47 -5.58
CA PHE A 223 3.28 -4.97 -6.27
C PHE A 223 2.76 -6.28 -5.68
N GLN A 224 3.67 -7.18 -5.34
CA GLN A 224 3.29 -8.48 -4.76
C GLN A 224 2.38 -8.29 -3.56
N LEU A 225 2.74 -7.35 -2.68
CA LEU A 225 1.94 -7.05 -1.51
C LEU A 225 0.62 -6.41 -1.91
N ALA A 226 0.67 -5.48 -2.86
CA ALA A 226 -0.51 -4.80 -3.34
C ALA A 226 -1.55 -5.80 -3.82
N THR A 227 -1.09 -6.78 -4.61
CA THR A 227 -1.96 -7.84 -5.12
C THR A 227 -2.66 -8.61 -4.00
N LYS A 228 -1.90 -9.13 -3.05
CA LYS A 228 -2.47 -9.89 -1.94
C LYS A 228 -3.53 -9.08 -1.20
N ILE A 229 -3.24 -7.81 -0.94
CA ILE A 229 -4.17 -6.94 -0.23
C ILE A 229 -5.44 -6.69 -1.05
N MET A 230 -5.27 -6.53 -2.36
CA MET A 230 -6.42 -6.33 -3.24
C MET A 230 -7.33 -7.56 -3.23
N ASP A 231 -6.73 -8.74 -3.36
CA ASP A 231 -7.48 -9.99 -3.36
C ASP A 231 -8.31 -10.15 -2.09
N LYS A 232 -7.74 -9.78 -0.95
CA LYS A 232 -8.42 -9.91 0.33
C LYS A 232 -9.55 -8.89 0.48
N LEU A 233 -9.37 -7.70 -0.11
CA LEU A 233 -10.40 -6.68 -0.05
C LEU A 233 -11.56 -6.99 -1.00
N ILE A 234 -11.25 -7.64 -2.11
CA ILE A 234 -12.28 -8.02 -3.07
C ILE A 234 -13.13 -9.15 -2.48
N ARG A 235 -12.48 -10.08 -1.80
CA ARG A 235 -13.16 -11.22 -1.20
C ARG A 235 -13.97 -10.81 0.03
N ASP A 236 -13.36 -10.01 0.90
CA ASP A 236 -14.02 -9.51 2.10
C ASP A 236 -13.94 -7.98 2.14
N GLY A 237 -14.88 -7.35 2.83
CA GLY A 237 -14.90 -5.90 2.89
C GLY A 237 -13.67 -5.28 3.50
N ARG A 238 -12.91 -6.10 4.24
CA ARG A 238 -11.74 -5.61 4.96
C ARG A 238 -10.63 -6.63 4.89
N VAL A 239 -9.44 -6.24 5.36
CA VAL A 239 -8.34 -7.19 5.52
C VAL A 239 -8.43 -7.78 6.91
N ILE A 240 -8.32 -9.10 7.00
CA ILE A 240 -8.47 -9.79 8.29
C ILE A 240 -7.13 -10.33 8.81
N ARG A 241 -6.75 -9.88 10.00
CA ARG A 241 -5.51 -10.33 10.63
C ARG A 241 -5.75 -10.82 12.04
N GLY A 242 -5.04 -11.87 12.42
CA GLY A 242 -5.06 -12.35 13.79
C GLY A 242 -4.34 -11.38 14.70
N TYR A 243 -4.92 -11.10 15.86
CA TYR A 243 -4.41 -10.09 16.77
C TYR A 243 -4.20 -10.61 18.19
N ILE A 244 -2.94 -10.68 18.61
CA ILE A 244 -2.59 -11.11 19.96
C ILE A 244 -3.11 -10.14 21.02
N GLY A 245 -2.89 -8.84 20.80
CA GLY A 245 -3.33 -7.81 21.72
C GLY A 245 -2.21 -7.15 22.48
N ILE A 246 -1.00 -7.66 22.27
CA ILE A 246 0.16 -7.23 23.04
C ILE A 246 1.25 -6.63 22.16
N GLY A 247 1.67 -5.42 22.52
CA GLY A 247 2.77 -4.78 21.84
C GLY A 247 4.00 -4.74 22.72
N GLY A 248 5.12 -5.24 22.19
CA GLY A 248 6.38 -5.24 22.91
C GLY A 248 7.55 -4.94 22.00
N ARG A 249 8.68 -4.56 22.60
CA ARG A 249 9.90 -4.30 21.86
C ARG A 249 10.95 -5.34 22.22
N GLU A 250 11.57 -5.92 21.19
CA GLU A 250 12.61 -6.93 21.36
C GLU A 250 13.40 -6.77 22.66
N GLN A 265 18.48 -15.23 22.67
CA GLN A 265 17.67 -14.22 21.99
C GLN A 265 16.19 -14.39 22.28
N GLY A 266 15.44 -13.30 22.16
CA GLY A 266 14.00 -13.34 22.37
C GLY A 266 13.31 -11.99 22.22
N ILE A 267 12.03 -11.95 22.60
CA ILE A 267 11.23 -10.72 22.52
C ILE A 267 10.41 -10.52 23.80
N VAL A 268 10.71 -9.46 24.54
CA VAL A 268 10.00 -9.14 25.77
C VAL A 268 8.66 -8.45 25.49
N VAL A 269 7.82 -8.36 26.51
CA VAL A 269 6.52 -7.72 26.39
C VAL A 269 6.50 -6.38 27.13
N ASN A 270 6.22 -5.30 26.41
CA ASN A 270 6.24 -3.97 27.02
C ASN A 270 4.88 -3.47 27.47
N GLU A 271 3.82 -4.07 26.91
CA GLU A 271 2.47 -3.66 27.23
C GLU A 271 1.46 -4.70 26.82
N VAL A 272 0.53 -4.98 27.71
CA VAL A 272 -0.60 -5.84 27.41
C VAL A 272 -1.86 -4.99 27.36
N SER A 273 -2.60 -5.09 26.25
CA SER A 273 -3.82 -4.30 26.09
C SER A 273 -4.87 -4.62 27.16
N PRO A 274 -5.48 -3.58 27.74
CA PRO A 274 -6.56 -3.71 28.73
C PRO A 274 -7.74 -4.48 28.17
N ASP A 275 -8.27 -5.43 28.94
CA ASP A 275 -9.40 -6.25 28.47
C ASP A 275 -9.04 -6.98 27.18
N GLY A 276 -7.75 -7.21 26.95
CA GLY A 276 -7.32 -7.89 25.74
C GLY A 276 -7.39 -9.40 25.82
N PRO A 277 -7.54 -10.06 24.65
CA PRO A 277 -7.49 -11.52 24.52
C PRO A 277 -6.27 -11.88 25.31
N ALA A 278 -5.29 -11.01 25.17
CA ALA A 278 -4.10 -10.92 25.99
C ALA A 278 -4.45 -11.00 27.49
N ALA A 279 -5.04 -9.92 27.98
CA ALA A 279 -5.44 -9.85 29.37
C ALA A 279 -6.29 -11.07 29.72
N ASN A 280 -7.07 -11.54 28.74
CA ASN A 280 -7.93 -12.71 28.93
C ASN A 280 -7.13 -14.00 28.99
N ALA A 281 -6.02 -14.02 28.26
CA ALA A 281 -5.02 -15.08 28.38
C ALA A 281 -4.28 -14.86 29.69
N GLY A 282 -4.53 -13.69 30.29
CA GLY A 282 -3.90 -13.30 31.52
C GLY A 282 -2.39 -13.21 31.39
N ILE A 283 -1.93 -12.73 30.23
CA ILE A 283 -0.49 -12.59 30.02
C ILE A 283 0.08 -11.56 30.96
N GLN A 284 1.34 -11.77 31.30
CA GLN A 284 2.03 -10.90 32.22
C GLN A 284 3.04 -10.06 31.48
N VAL A 285 2.96 -8.75 31.69
CA VAL A 285 3.88 -7.81 31.09
C VAL A 285 5.32 -8.30 31.25
N ASN A 286 6.08 -8.23 30.15
CA ASN A 286 7.54 -8.35 30.18
C ASN A 286 8.13 -9.75 30.05
N ASP A 287 7.32 -10.77 30.28
CA ASP A 287 7.81 -12.13 30.11
C ASP A 287 8.44 -12.24 28.73
N LEU A 288 9.73 -12.56 28.67
CA LEU A 288 10.39 -12.75 27.39
C LEU A 288 9.65 -13.86 26.65
N ILE A 289 9.72 -13.84 25.32
CA ILE A 289 9.05 -14.84 24.50
C ILE A 289 10.04 -15.48 23.52
N ILE A 290 10.36 -16.75 23.76
CA ILE A 290 11.36 -17.45 22.97
C ILE A 290 10.84 -17.88 21.59
N SER A 291 9.62 -18.41 21.56
CA SER A 291 9.06 -19.00 20.36
C SER A 291 7.54 -19.07 20.44
N VAL A 292 6.89 -19.33 19.29
CA VAL A 292 5.44 -19.46 19.25
C VAL A 292 4.95 -20.42 18.16
N ASP A 293 3.82 -21.08 18.43
CA ASP A 293 3.17 -21.95 17.46
C ASP A 293 4.18 -22.78 16.70
N ASN A 294 4.85 -23.67 17.43
CA ASN A 294 5.85 -24.58 16.86
C ASN A 294 6.98 -23.89 16.08
N LYS A 295 7.30 -22.66 16.45
CA LYS A 295 8.32 -21.88 15.73
C LYS A 295 9.09 -20.89 16.62
N PRO A 296 10.33 -20.55 16.23
CA PRO A 296 11.21 -19.71 17.05
C PRO A 296 10.79 -18.26 16.97
N ALA A 297 11.21 -17.43 17.93
CA ALA A 297 10.80 -16.03 17.93
C ALA A 297 11.97 -15.08 18.15
N ILE A 298 12.83 -14.97 17.14
CA ILE A 298 14.00 -14.09 17.21
C ILE A 298 13.69 -12.69 16.68
N SER A 299 12.96 -12.61 15.57
CA SER A 299 12.57 -11.33 15.01
C SER A 299 11.09 -11.02 15.25
N ALA A 300 10.82 -9.89 15.88
CA ALA A 300 9.46 -9.49 16.20
C ALA A 300 8.60 -9.32 14.94
N LEU A 301 9.17 -8.69 13.93
CA LEU A 301 8.46 -8.48 12.67
C LEU A 301 8.05 -9.80 12.03
N GLU A 302 8.94 -10.77 12.05
CA GLU A 302 8.63 -12.12 11.57
C GLU A 302 7.51 -12.72 12.39
N THR A 303 7.57 -12.49 13.71
CA THR A 303 6.58 -13.02 14.64
C THR A 303 5.20 -12.41 14.41
N MET A 304 5.14 -11.09 14.25
CA MET A 304 3.88 -10.39 14.04
C MET A 304 3.23 -10.79 12.73
N ALA A 305 4.05 -10.96 11.69
CA ALA A 305 3.57 -11.38 10.39
C ALA A 305 2.90 -12.75 10.51
N GLN A 306 3.51 -13.64 11.27
CA GLN A 306 2.94 -14.94 11.54
C GLN A 306 1.60 -14.81 12.28
N VAL A 307 1.56 -13.92 13.26
CA VAL A 307 0.34 -13.68 14.04
C VAL A 307 -0.79 -13.18 13.14
N ALA A 308 -0.45 -12.30 12.20
CA ALA A 308 -1.42 -11.75 11.27
C ALA A 308 -2.04 -12.81 10.38
N GLU A 309 -1.22 -13.73 9.89
CA GLU A 309 -1.67 -14.78 8.98
C GLU A 309 -2.72 -15.69 9.64
N ILE A 310 -2.49 -16.02 10.91
CA ILE A 310 -3.36 -16.96 11.63
C ILE A 310 -4.81 -16.48 11.72
N ARG A 311 -5.73 -17.41 11.55
CA ARG A 311 -7.16 -17.12 11.62
C ARG A 311 -7.58 -16.65 13.01
N PRO A 312 -8.48 -15.65 13.07
CA PRO A 312 -9.02 -15.18 14.35
C PRO A 312 -9.80 -16.28 15.07
N GLY A 313 -9.68 -16.34 16.39
CA GLY A 313 -10.40 -17.31 17.18
C GLY A 313 -9.58 -18.54 17.51
N SER A 314 -8.45 -18.70 16.83
CA SER A 314 -7.60 -19.86 17.03
C SER A 314 -6.74 -19.72 18.29
N VAL A 315 -6.43 -20.85 18.91
CA VAL A 315 -5.59 -20.87 20.11
C VAL A 315 -4.28 -21.58 19.79
N ILE A 316 -3.17 -20.96 20.14
CA ILE A 316 -1.86 -21.52 19.81
C ILE A 316 -0.89 -21.51 20.99
N PRO A 317 0.15 -22.36 20.93
CA PRO A 317 1.17 -22.42 21.98
C PRO A 317 2.14 -21.25 21.90
N VAL A 318 2.58 -20.77 23.07
CA VAL A 318 3.53 -19.67 23.14
C VAL A 318 4.61 -19.98 24.17
N VAL A 319 5.84 -19.60 23.87
CA VAL A 319 6.95 -19.82 24.78
C VAL A 319 7.39 -18.53 25.45
N VAL A 320 7.48 -18.56 26.76
CA VAL A 320 7.80 -17.39 27.56
C VAL A 320 9.15 -17.56 28.25
N THR A 328 4.18 -21.88 29.44
CA THR A 328 3.37 -22.15 28.27
C THR A 328 1.89 -21.84 28.54
N LEU A 329 1.44 -20.67 28.10
CA LEU A 329 0.08 -20.22 28.37
C LEU A 329 -0.77 -20.16 27.09
N GLN A 330 -1.95 -20.77 27.15
CA GLN A 330 -2.85 -20.81 26.00
C GLN A 330 -3.59 -19.48 25.83
N VAL A 331 -3.77 -19.06 24.58
CA VAL A 331 -4.48 -17.83 24.27
C VAL A 331 -5.27 -17.92 22.97
N THR A 332 -6.47 -17.36 22.97
CA THR A 332 -7.32 -17.32 21.78
C THR A 332 -7.21 -15.96 21.09
N ILE A 333 -6.76 -15.98 19.84
CA ILE A 333 -6.60 -14.76 19.05
C ILE A 333 -7.96 -14.22 18.62
N GLN A 334 -8.09 -12.90 18.59
CA GLN A 334 -9.24 -12.26 17.97
C GLN A 334 -8.75 -11.47 16.78
N GLU A 335 -9.62 -11.23 15.81
CA GLU A 335 -9.21 -10.48 14.62
C GLU A 335 -8.79 -9.07 15.02
N TYR A 336 -7.82 -8.53 14.28
CA TYR A 336 -7.25 -7.22 14.60
C TYR A 336 -8.32 -6.16 14.72
N PRO A 337 -8.29 -5.37 15.82
CA PRO A 337 -9.21 -4.26 16.02
C PRO A 337 -9.17 -3.28 14.84
N ALA A 338 -10.34 -2.82 14.41
CA ALA A 338 -10.44 -1.91 13.27
C ALA A 338 -9.82 -0.54 13.59
N THR A 339 -9.33 0.12 12.55
CA THR A 339 -8.71 1.44 12.70
C THR A 339 -9.19 2.40 11.63
N VAL B 7 8.54 0.41 18.89
CA VAL B 7 7.46 -0.37 19.50
C VAL B 7 6.65 -1.11 18.43
N TYR B 8 6.40 -2.39 18.68
CA TYR B 8 5.63 -3.21 17.74
C TYR B 8 4.35 -3.74 18.38
N TYR B 9 3.21 -3.46 17.74
CA TYR B 9 1.93 -3.94 18.22
C TYR B 9 1.36 -5.02 17.32
N PHE B 10 0.98 -6.15 17.91
CA PHE B 10 0.36 -7.24 17.16
C PHE B 10 -0.37 -8.21 18.09
#